data_2P3W
#
_entry.id   2P3W
#
_cell.length_a   73.001
_cell.length_b   73.001
_cell.length_c   80.058
_cell.angle_alpha   90.000
_cell.angle_beta   90.000
_cell.angle_gamma   90.000
#
_symmetry.space_group_name_H-M   'P 41 21 2'
#
loop_
_entity.id
_entity.type
_entity.pdbx_description
1 polymer 'Probable serine protease HTRA3'
2 water water
#
_entity_poly.entity_id   1
_entity_poly.type   'polypeptide(L)'
_entity_poly.pdbx_seq_one_letter_code
;GSHMKRFIGIRMRTITPSLVDELKASNPDFPEVSSGIYVQEVAPNSPSQRGGIQDGDIIVKVNGRPLVDSSELQEAVLTE
SPLLLEVRRGNDDLLFSIAPEVVMGGGFGRWV
;
_entity_poly.pdbx_strand_id   A,B
#
# COMPACT_ATOMS: atom_id res chain seq x y z
N GLY A 1 -12.61 19.71 0.56
CA GLY A 1 -12.09 18.60 1.43
C GLY A 1 -12.46 17.24 0.86
N SER A 2 -11.43 16.48 0.49
CA SER A 2 -11.59 15.26 -0.27
C SER A 2 -11.95 14.06 0.61
N HIS A 3 -12.92 13.27 0.14
CA HIS A 3 -13.29 12.01 0.76
C HIS A 3 -12.25 10.95 0.49
N MET A 4 -11.69 10.38 1.55
CA MET A 4 -10.63 9.44 1.44
C MET A 4 -11.11 8.08 1.86
N LYS A 5 -10.57 7.04 1.23
CA LYS A 5 -10.77 5.68 1.69
C LYS A 5 -9.46 4.96 1.69
N ARG A 6 -9.13 4.30 2.80
CA ARG A 6 -7.94 3.46 2.97
C ARG A 6 -8.44 2.03 3.07
N PHE A 7 -7.86 1.13 2.29
CA PHE A 7 -8.35 -0.23 2.29
C PHE A 7 -7.25 -1.23 2.03
N ILE A 8 -7.47 -2.45 2.54
CA ILE A 8 -6.56 -3.55 2.21
C ILE A 8 -7.16 -4.66 1.34
N GLY A 9 -8.48 -4.72 1.24
CA GLY A 9 -9.11 -5.65 0.31
C GLY A 9 -9.38 -7.05 0.82
N ILE A 10 -9.86 -7.15 2.05
CA ILE A 10 -10.38 -8.43 2.53
C ILE A 10 -11.76 -8.26 3.11
N ARG A 11 -12.57 -9.32 3.03
CA ARG A 11 -13.83 -9.39 3.78
C ARG A 11 -13.52 -10.26 5.02
N MET A 12 -13.60 -9.63 6.19
CA MET A 12 -13.09 -10.20 7.41
C MET A 12 -14.21 -10.59 8.35
N ARG A 13 -13.97 -11.63 9.14
CA ARG A 13 -14.90 -12.12 10.14
C ARG A 13 -14.15 -12.35 11.46
N THR A 14 -14.71 -11.91 12.57
CA THR A 14 -14.13 -12.21 13.89
C THR A 14 -14.18 -13.72 14.22
N ILE A 15 -13.05 -14.29 14.63
CA ILE A 15 -13.02 -15.67 15.12
C ILE A 15 -13.84 -15.78 16.41
N THR A 16 -14.81 -16.67 16.38
CA THR A 16 -15.64 -17.00 17.53
C THR A 16 -15.60 -18.51 17.70
N PRO A 17 -16.06 -19.02 18.86
CA PRO A 17 -16.18 -20.47 19.06
C PRO A 17 -17.01 -21.14 17.96
N SER A 18 -18.08 -20.48 17.51
CA SER A 18 -18.94 -21.00 16.45
C SER A 18 -18.14 -21.24 15.17
N LEU A 19 -17.41 -20.21 14.75
CA LEU A 19 -16.56 -20.30 13.58
C LEU A 19 -15.45 -21.36 13.78
N VAL A 20 -14.86 -21.43 14.97
CA VAL A 20 -13.77 -22.40 15.21
C VAL A 20 -14.25 -23.82 14.98
N ASP A 21 -15.50 -24.11 15.41
CA ASP A 21 -16.12 -25.42 15.19
C ASP A 21 -16.24 -25.78 13.70
N GLU A 22 -16.66 -24.83 12.88
CA GLU A 22 -16.77 -25.08 11.44
C GLU A 22 -15.40 -25.36 10.84
N LEU A 23 -14.43 -24.54 11.21
CA LEU A 23 -13.07 -24.68 10.70
C LEU A 23 -12.46 -26.01 11.12
N LYS A 24 -12.71 -26.43 12.36
CA LYS A 24 -12.25 -27.75 12.83
C LYS A 24 -12.86 -28.88 11.99
N ALA A 25 -14.15 -28.75 11.67
CA ALA A 25 -14.86 -29.77 10.91
C ALA A 25 -14.24 -29.98 9.52
N SER A 26 -13.88 -28.88 8.87
CA SER A 26 -13.30 -28.92 7.52
C SER A 26 -11.84 -29.33 7.54
N ASN A 27 -11.10 -28.82 8.52
CA ASN A 27 -9.65 -29.01 8.61
C ASN A 27 -9.24 -29.62 9.94
N PRO A 28 -9.63 -30.88 10.20
CA PRO A 28 -9.36 -31.48 11.53
C PRO A 28 -7.88 -31.48 11.99
N ASP A 29 -6.95 -31.58 11.05
CA ASP A 29 -5.51 -31.65 11.38
C ASP A 29 -4.85 -30.31 11.73
N PHE A 30 -5.51 -29.19 11.41
CA PHE A 30 -4.97 -27.87 11.76
C PHE A 30 -4.92 -27.70 13.28
N VAL A 33 -6.47 -22.50 16.63
CA VAL A 33 -6.46 -21.03 16.60
C VAL A 33 -7.82 -20.47 17.03
N SER A 34 -7.89 -20.08 18.30
CA SER A 34 -9.14 -19.67 18.92
C SER A 34 -9.40 -18.16 18.92
N SER A 35 -8.49 -17.38 18.36
CA SER A 35 -8.61 -15.92 18.38
C SER A 35 -8.02 -15.35 17.11
N GLY A 36 -8.62 -14.28 16.59
CA GLY A 36 -8.07 -13.59 15.42
C GLY A 36 -9.16 -13.14 14.45
N ILE A 37 -8.72 -12.79 13.25
CA ILE A 37 -9.60 -12.33 12.18
C ILE A 37 -9.55 -13.28 11.01
N TYR A 38 -10.69 -13.88 10.67
CA TYR A 38 -10.74 -14.80 9.53
C TYR A 38 -10.91 -14.07 8.19
N VAL A 39 -10.13 -14.48 7.20
CA VAL A 39 -10.22 -13.89 5.86
C VAL A 39 -11.22 -14.70 5.03
N GLN A 40 -12.45 -14.19 4.98
CA GLN A 40 -13.52 -14.82 4.21
C GLN A 40 -13.28 -14.68 2.72
N GLU A 41 -12.89 -13.49 2.27
CA GLU A 41 -12.62 -13.23 0.84
C GLU A 41 -11.48 -12.21 0.68
N VAL A 42 -10.75 -12.33 -0.44
CA VAL A 42 -9.75 -11.34 -0.84
C VAL A 42 -10.16 -10.69 -2.15
N ALA A 43 -10.19 -9.35 -2.17
CA ALA A 43 -10.55 -8.64 -3.40
C ALA A 43 -9.38 -8.70 -4.43
N PRO A 44 -9.69 -8.87 -5.72
CA PRO A 44 -8.65 -9.17 -6.74
C PRO A 44 -7.54 -8.14 -6.99
N ASN A 45 -7.84 -6.86 -6.92
CA ASN A 45 -6.84 -5.82 -7.28
C ASN A 45 -6.47 -5.01 -6.05
N SER A 46 -6.04 -5.69 -4.99
CA SER A 46 -5.92 -5.07 -3.70
C SER A 46 -4.54 -5.30 -3.06
N PRO A 47 -4.22 -4.50 -2.05
CA PRO A 47 -3.00 -4.74 -1.28
C PRO A 47 -2.88 -6.19 -0.78
N SER A 48 -3.99 -6.77 -0.30
CA SER A 48 -3.98 -8.12 0.24
C SER A 48 -3.70 -9.18 -0.87
N GLN A 49 -4.31 -9.01 -2.04
CA GLN A 49 -4.04 -9.91 -3.14
C GLN A 49 -2.57 -9.80 -3.59
N ARG A 50 -2.10 -8.58 -3.78
CA ARG A 50 -0.72 -8.35 -4.24
C ARG A 50 0.30 -8.87 -3.22
N GLY A 51 -0.06 -8.77 -1.95
CA GLY A 51 0.84 -9.09 -0.85
C GLY A 51 0.89 -10.55 -0.44
N GLY A 52 -0.05 -11.35 -0.94
CA GLY A 52 -0.03 -12.81 -0.73
C GLY A 52 -1.04 -13.41 0.24
N ILE A 53 -1.91 -12.58 0.77
CA ILE A 53 -2.95 -13.05 1.66
C ILE A 53 -3.99 -13.85 0.83
N GLN A 54 -4.52 -14.91 1.44
CA GLN A 54 -5.42 -15.85 0.77
C GLN A 54 -6.63 -16.12 1.64
N ASP A 55 -7.77 -16.45 1.02
CA ASP A 55 -8.93 -16.74 1.85
C ASP A 55 -8.67 -18.00 2.70
N GLY A 56 -9.23 -17.99 3.90
CA GLY A 56 -8.97 -19.02 4.89
C GLY A 56 -7.89 -18.62 5.88
N ASP A 57 -7.08 -17.61 5.53
CA ASP A 57 -6.00 -17.12 6.40
C ASP A 57 -6.61 -16.58 7.69
N ILE A 58 -5.93 -16.74 8.81
CA ILE A 58 -6.34 -16.05 10.03
C ILE A 58 -5.28 -15.02 10.42
N ILE A 59 -5.68 -13.77 10.57
CA ILE A 59 -4.79 -12.68 10.92
C ILE A 59 -4.83 -12.59 12.44
N VAL A 60 -3.67 -12.76 13.07
CA VAL A 60 -3.58 -12.80 14.53
C VAL A 60 -2.88 -11.61 15.21
N LYS A 61 -2.04 -10.87 14.48
CA LYS A 61 -1.40 -9.67 15.00
C LYS A 61 -1.22 -8.64 13.91
N VAL A 62 -1.21 -7.38 14.32
CA VAL A 62 -0.88 -6.26 13.43
C VAL A 62 0.17 -5.40 14.14
N ASN A 63 1.31 -5.21 13.47
CA ASN A 63 2.42 -4.44 14.04
C ASN A 63 2.74 -4.91 15.48
N GLY A 64 2.70 -6.22 15.68
CA GLY A 64 2.99 -6.81 16.99
C GLY A 64 1.86 -6.85 18.01
N ARG A 65 0.70 -6.29 17.69
CA ARG A 65 -0.41 -6.25 18.62
C ARG A 65 -1.40 -7.36 18.32
N PRO A 66 -1.86 -8.06 19.37
CA PRO A 66 -2.85 -9.12 19.16
C PRO A 66 -4.19 -8.61 18.63
N LEU A 67 -4.76 -9.36 17.69
CA LEU A 67 -6.10 -9.09 17.16
C LEU A 67 -7.11 -10.10 17.69
N VAL A 68 -8.18 -9.59 18.30
CA VAL A 68 -9.28 -10.45 18.75
C VAL A 68 -10.61 -10.10 18.09
N ASP A 69 -10.74 -8.90 17.50
CA ASP A 69 -12.03 -8.45 16.93
C ASP A 69 -11.82 -7.66 15.67
N SER A 70 -12.71 -7.85 14.71
CA SER A 70 -12.57 -7.18 13.41
C SER A 70 -12.45 -5.64 13.54
N SER A 71 -13.13 -5.05 14.50
CA SER A 71 -13.06 -3.59 14.71
C SER A 71 -11.62 -3.09 14.91
N GLU A 72 -10.78 -3.94 15.50
CA GLU A 72 -9.39 -3.57 15.75
C GLU A 72 -8.63 -3.51 14.44
N LEU A 73 -8.92 -4.42 13.50
CA LEU A 73 -8.23 -4.40 12.21
C LEU A 73 -8.73 -3.21 11.37
N GLN A 74 -10.04 -2.99 11.40
CA GLN A 74 -10.59 -1.77 10.77
C GLN A 74 -9.84 -0.51 11.25
N GLU A 75 -9.61 -0.39 12.55
CA GLU A 75 -8.93 0.78 13.11
C GLU A 75 -7.48 0.84 12.62
N ALA A 76 -6.80 -0.30 12.59
CA ALA A 76 -5.41 -0.33 12.06
C ALA A 76 -5.31 0.08 10.60
N VAL A 77 -6.21 -0.41 9.77
CA VAL A 77 -6.27 -0.02 8.35
C VAL A 77 -6.49 1.50 8.18
N LEU A 78 -7.25 2.07 9.08
CA LEU A 78 -7.57 3.50 9.05
C LEU A 78 -6.42 4.35 9.49
N THR A 79 -5.55 3.80 10.35
CA THR A 79 -4.59 4.62 11.08
C THR A 79 -3.09 4.37 10.82
N GLU A 80 -2.73 3.16 10.43
CA GLU A 80 -1.35 2.76 10.30
C GLU A 80 -1.03 2.37 8.85
N SER A 81 0.23 2.55 8.47
CA SER A 81 0.70 2.23 7.15
C SER A 81 2.21 2.06 7.11
N PRO A 82 2.68 0.90 6.62
CA PRO A 82 1.96 -0.29 6.21
C PRO A 82 1.59 -1.06 7.47
N LEU A 83 0.96 -2.20 7.28
CA LEU A 83 0.58 -3.13 8.35
C LEU A 83 1.42 -4.39 8.23
N LEU A 84 2.17 -4.71 9.30
CA LEU A 84 2.86 -5.98 9.41
C LEU A 84 1.89 -6.98 10.02
N LEU A 85 1.36 -7.86 9.17
CA LEU A 85 0.28 -8.77 9.55
C LEU A 85 0.83 -10.17 9.74
N GLU A 86 0.60 -10.73 10.92
CA GLU A 86 0.96 -12.10 11.27
C GLU A 86 -0.25 -12.98 10.96
N VAL A 87 -0.02 -14.00 10.15
CA VAL A 87 -1.08 -14.84 9.64
C VAL A 87 -0.80 -16.32 9.94
N ARG A 88 -1.86 -17.03 10.32
CA ARG A 88 -1.84 -18.48 10.44
C ARG A 88 -2.50 -19.06 9.20
N ARG A 89 -1.77 -19.92 8.48
CA ARG A 89 -2.28 -20.60 7.30
C ARG A 89 -2.04 -22.09 7.47
N GLY A 90 -3.06 -22.84 7.89
CA GLY A 90 -2.84 -24.22 8.31
C GLY A 90 -1.79 -24.29 9.41
N ASN A 91 -0.76 -25.09 9.18
CA ASN A 91 0.36 -25.23 10.13
C ASN A 91 1.47 -24.21 9.90
N ASP A 92 1.28 -23.29 8.96
CA ASP A 92 2.29 -22.29 8.66
C ASP A 92 1.99 -20.96 9.38
N ASP A 93 3.06 -20.28 9.76
CA ASP A 93 3.04 -18.97 10.42
C ASP A 93 3.76 -18.03 9.46
N LEU A 94 3.07 -17.00 9.00
CA LEU A 94 3.56 -16.13 7.95
C LEU A 94 3.50 -14.66 8.36
N LEU A 95 4.44 -13.87 7.84
CA LEU A 95 4.42 -12.39 8.03
C LEU A 95 4.31 -11.67 6.68
N PHE A 96 3.35 -10.74 6.58
CA PHE A 96 3.11 -9.96 5.35
C PHE A 96 3.23 -8.47 5.70
N SER A 97 3.69 -7.66 4.74
CA SER A 97 3.68 -6.22 4.92
CA SER A 97 3.78 -6.21 4.85
C SER A 97 2.76 -5.63 3.88
N ILE A 98 1.61 -5.20 4.36
CA ILE A 98 0.49 -4.83 3.50
C ILE A 98 0.23 -3.35 3.70
N ALA A 99 0.58 -2.54 2.70
CA ALA A 99 0.28 -1.11 2.73
C ALA A 99 -1.15 -0.80 2.29
N PRO A 100 -1.98 -0.21 3.17
CA PRO A 100 -3.33 0.17 2.70
C PRO A 100 -3.26 1.11 1.50
N GLU A 101 -4.04 0.81 0.48
CA GLU A 101 -4.23 1.67 -0.70
C GLU A 101 -5.15 2.82 -0.35
N VAL A 102 -4.80 4.02 -0.81
CA VAL A 102 -5.58 5.21 -0.52
C VAL A 102 -6.23 5.72 -1.81
N VAL A 103 -7.55 5.93 -1.76
CA VAL A 103 -8.30 6.47 -2.90
C VAL A 103 -8.95 7.78 -2.47
N MET A 104 -8.79 8.79 -3.30
CA MET A 104 -9.26 10.14 -3.01
C MET A 104 -10.57 10.48 -3.75
N GLY A 105 -11.20 11.57 -3.33
CA GLY A 105 -12.27 12.15 -4.13
C GLY A 105 -13.52 11.29 -4.22
N GLY A 106 -13.65 10.35 -3.28
CA GLY A 106 -14.77 9.40 -3.29
C GLY A 106 -14.72 8.36 -4.39
N GLY A 107 -13.56 8.20 -5.01
CA GLY A 107 -13.39 7.26 -6.13
C GLY A 107 -13.45 5.79 -5.73
N PHE A 108 -13.50 5.50 -4.45
CA PHE A 108 -13.62 4.10 -3.98
C PHE A 108 -14.98 3.50 -4.31
N GLY A 109 -16.02 4.31 -4.20
CA GLY A 109 -17.38 3.77 -4.36
C GLY A 109 -17.78 2.97 -3.14
N ARG A 110 -18.53 1.90 -3.35
CA ARG A 110 -18.84 0.98 -2.27
C ARG A 110 -19.17 -0.41 -2.72
N TRP A 111 -18.89 -1.37 -1.84
CA TRP A 111 -19.22 -2.78 -2.07
C TRP A 111 -20.72 -2.98 -1.93
N VAL A 112 -21.23 -3.85 -2.77
CA VAL A 112 -22.64 -4.25 -2.72
C VAL A 112 -22.81 -5.70 -3.14
N GLY B 1 17.00 -12.13 9.09
CA GLY B 1 15.94 -11.16 8.68
C GLY B 1 15.51 -11.35 7.23
N SER B 2 14.48 -10.62 6.87
CA SER B 2 13.87 -10.65 5.55
C SER B 2 14.18 -9.37 4.82
N HIS B 3 14.61 -9.49 3.58
CA HIS B 3 14.81 -8.31 2.77
CA HIS B 3 14.80 -8.35 2.70
C HIS B 3 13.47 -7.62 2.53
N MET B 4 13.50 -6.28 2.56
CA MET B 4 12.30 -5.47 2.35
C MET B 4 12.53 -4.53 1.18
N LYS B 5 11.56 -4.47 0.29
CA LYS B 5 11.60 -3.56 -0.85
C LYS B 5 10.37 -2.70 -0.80
N ARG B 6 10.57 -1.39 -0.98
CA ARG B 6 9.47 -0.45 -1.05
C ARG B 6 9.55 0.27 -2.36
N PHE B 7 8.41 0.41 -3.02
CA PHE B 7 8.36 1.10 -4.33
C PHE B 7 7.04 1.80 -4.61
N ILE B 8 7.09 2.87 -5.40
CA ILE B 8 5.89 3.51 -5.91
C ILE B 8 5.67 3.34 -7.43
N GLY B 9 6.69 2.93 -8.17
CA GLY B 9 6.50 2.58 -9.57
C GLY B 9 6.66 3.69 -10.57
N ILE B 10 7.58 4.63 -10.31
CA ILE B 10 7.89 5.67 -11.29
C ILE B 10 9.38 5.73 -11.56
N ARG B 11 9.71 6.00 -12.81
CA ARG B 11 11.09 6.30 -13.19
C ARG B 11 11.20 7.81 -13.22
N MET B 12 12.05 8.35 -12.33
CA MET B 12 12.09 9.76 -11.93
C MET B 12 13.44 10.40 -12.31
N ARG B 13 13.39 11.67 -12.69
CA ARG B 13 14.61 12.45 -12.82
C ARG B 13 14.42 13.87 -12.27
N THR B 14 15.49 14.35 -11.64
CA THR B 14 15.55 15.69 -11.12
C THR B 14 15.44 16.76 -12.22
N ILE B 15 14.60 17.76 -11.97
CA ILE B 15 14.45 18.91 -12.85
C ILE B 15 15.70 19.78 -12.76
N THR B 16 16.28 20.05 -13.93
CA THR B 16 17.45 20.90 -14.07
C THR B 16 17.13 21.93 -15.14
N PRO B 17 17.83 23.07 -15.13
CA PRO B 17 17.70 24.04 -16.21
C PRO B 17 17.67 23.41 -17.61
N SER B 18 18.56 22.44 -17.85
CA SER B 18 18.65 21.78 -19.16
C SER B 18 17.43 20.94 -19.47
N LEU B 19 16.95 20.18 -18.48
CA LEU B 19 15.69 19.45 -18.67
C LEU B 19 14.55 20.46 -18.86
N VAL B 20 14.60 21.57 -18.15
CA VAL B 20 13.60 22.63 -18.32
C VAL B 20 13.58 23.11 -19.77
N ASP B 21 14.77 23.31 -20.35
CA ASP B 21 14.91 23.66 -21.76
C ASP B 21 14.17 22.68 -22.69
N GLU B 22 14.16 21.40 -22.31
CA GLU B 22 13.35 20.40 -23.01
C GLU B 22 11.89 20.45 -22.52
N PRO B 31 4.01 26.99 -19.04
CA PRO B 31 3.90 26.47 -17.67
C PRO B 31 5.27 26.00 -17.14
N GLU B 32 6.12 26.97 -16.76
CA GLU B 32 7.50 26.68 -16.39
C GLU B 32 7.69 26.37 -14.91
N VAL B 33 8.14 25.14 -14.65
CA VAL B 33 8.43 24.67 -13.31
C VAL B 33 9.94 24.41 -13.28
N SER B 34 10.65 25.22 -12.49
CA SER B 34 12.10 25.22 -12.47
C SER B 34 12.70 24.18 -11.53
N SER B 35 11.86 23.57 -10.72
CA SER B 35 12.28 22.77 -9.59
C SER B 35 11.30 21.63 -9.38
N GLY B 36 11.79 20.46 -9.03
CA GLY B 36 10.92 19.30 -8.77
C GLY B 36 11.46 18.01 -9.37
N ILE B 37 10.59 17.00 -9.44
CA ILE B 37 10.94 15.68 -9.96
CA ILE B 37 10.96 15.70 -9.99
C ILE B 37 10.07 15.38 -11.17
N TYR B 38 10.72 15.12 -12.31
CA TYR B 38 10.03 14.78 -13.53
C TYR B 38 9.72 13.26 -13.59
N VAL B 39 8.45 12.95 -13.85
CA VAL B 39 7.97 11.56 -14.00
C VAL B 39 8.16 11.13 -15.44
N GLN B 40 9.17 10.28 -15.67
CA GLN B 40 9.48 9.81 -17.02
C GLN B 40 8.63 8.63 -17.46
N GLU B 41 8.25 7.81 -16.49
CA GLU B 41 7.57 6.55 -16.77
C GLU B 41 6.82 6.12 -15.52
N VAL B 42 5.60 5.59 -15.71
CA VAL B 42 4.80 5.05 -14.62
C VAL B 42 4.52 3.55 -14.91
N ALA B 43 4.95 2.66 -14.03
CA ALA B 43 4.83 1.21 -14.28
C ALA B 43 3.37 0.85 -14.20
N PRO B 44 2.90 -0.05 -15.08
CA PRO B 44 1.45 -0.28 -15.22
C PRO B 44 0.75 -0.93 -14.05
N ASN B 45 1.48 -1.65 -13.21
CA ASN B 45 0.87 -2.26 -12.04
C ASN B 45 1.62 -1.73 -10.83
N SER B 46 1.22 -0.54 -10.38
CA SER B 46 1.99 0.14 -9.34
C SER B 46 1.15 1.07 -8.52
N PRO B 47 1.64 1.43 -7.32
CA PRO B 47 0.93 2.44 -6.53
C PRO B 47 0.63 3.73 -7.31
N SER B 48 1.59 4.18 -8.09
CA SER B 48 1.46 5.42 -8.84
C SER B 48 0.41 5.31 -9.94
N GLN B 49 0.41 4.21 -10.68
CA GLN B 49 -0.61 4.00 -11.72
C GLN B 49 -2.01 3.96 -11.09
N ARG B 50 -2.14 3.20 -10.01
CA ARG B 50 -3.42 3.06 -9.34
C ARG B 50 -3.93 4.38 -8.80
N GLY B 51 -3.02 5.24 -8.36
CA GLY B 51 -3.34 6.54 -7.79
C GLY B 51 -3.62 7.65 -8.81
N GLY B 52 -3.26 7.42 -10.06
CA GLY B 52 -3.52 8.36 -11.13
C GLY B 52 -2.38 9.22 -11.64
N ILE B 53 -1.15 8.91 -11.22
CA ILE B 53 0.02 9.66 -11.70
C ILE B 53 0.28 9.22 -13.15
N GLN B 54 0.75 10.16 -13.96
CA GLN B 54 0.93 9.95 -15.40
C GLN B 54 2.28 10.44 -15.87
N ASP B 55 2.78 9.84 -16.95
CA ASP B 55 3.99 10.31 -17.61
C ASP B 55 3.94 11.80 -17.85
N GLY B 56 5.03 12.48 -17.50
CA GLY B 56 5.18 13.91 -17.69
C GLY B 56 4.75 14.78 -16.53
N ASP B 57 4.18 14.16 -15.50
CA ASP B 57 3.84 14.87 -14.26
C ASP B 57 5.12 15.40 -13.61
N ILE B 58 5.05 16.55 -12.94
CA ILE B 58 6.17 17.00 -12.15
C ILE B 58 5.78 16.99 -10.68
N ILE B 59 6.52 16.22 -9.86
CA ILE B 59 6.24 16.16 -8.43
C ILE B 59 6.99 17.30 -7.75
N VAL B 60 6.27 18.17 -7.04
CA VAL B 60 6.90 19.34 -6.43
C VAL B 60 6.96 19.34 -4.90
N LYS B 61 6.13 18.53 -4.25
CA LYS B 61 6.18 18.40 -2.81
C LYS B 61 5.81 16.99 -2.41
N VAL B 62 6.37 16.57 -1.28
CA VAL B 62 5.94 15.33 -0.59
C VAL B 62 5.61 15.66 0.86
N ASN B 63 4.40 15.35 1.28
CA ASN B 63 3.93 15.65 2.64
C ASN B 63 4.22 17.08 3.06
N GLY B 64 3.95 18.00 2.14
CA GLY B 64 4.18 19.44 2.38
C GLY B 64 5.59 19.98 2.19
N ARG B 65 6.56 19.10 1.95
CA ARG B 65 7.95 19.50 1.85
C ARG B 65 8.34 19.68 0.39
N PRO B 66 9.07 20.76 0.08
CA PRO B 66 9.49 20.91 -1.31
C PRO B 66 10.48 19.86 -1.72
N LEU B 67 10.36 19.38 -2.94
CA LEU B 67 11.27 18.41 -3.52
C LEU B 67 12.12 19.13 -4.56
N VAL B 68 13.44 19.07 -4.39
CA VAL B 68 14.36 19.63 -5.35
C VAL B 68 15.18 18.56 -6.07
N ASP B 69 15.35 17.40 -5.44
CA ASP B 69 16.24 16.35 -5.97
C ASP B 69 15.62 14.98 -5.82
N SER B 70 15.93 14.12 -6.78
CA SER B 70 15.42 12.75 -6.78
C SER B 70 15.79 11.97 -5.52
N SER B 71 16.97 12.20 -4.95
CA SER B 71 17.37 11.52 -3.70
C SER B 71 16.32 11.76 -2.59
N GLU B 72 15.72 12.95 -2.56
CA GLU B 72 14.68 13.26 -1.55
C GLU B 72 13.44 12.41 -1.69
N LEU B 73 13.04 12.14 -2.92
CA LEU B 73 11.87 11.29 -3.12
C LEU B 73 12.20 9.84 -2.79
N GLN B 74 13.40 9.39 -3.18
CA GLN B 74 13.88 8.06 -2.78
C GLN B 74 13.79 7.88 -1.26
N GLU B 75 14.26 8.89 -0.51
CA GLU B 75 14.26 8.79 0.98
C GLU B 75 12.84 8.72 1.54
N ALA B 76 11.94 9.55 0.99
CA ALA B 76 10.54 9.50 1.36
C ALA B 76 9.90 8.13 1.12
N VAL B 77 10.14 7.55 -0.05
CA VAL B 77 9.57 6.26 -0.39
C VAL B 77 10.04 5.19 0.59
N LEU B 78 11.29 5.32 1.04
CA LEU B 78 11.81 4.38 2.03
C LEU B 78 11.31 4.53 3.43
N THR B 79 10.90 5.75 3.82
CA THR B 79 10.67 6.11 5.21
C THR B 79 9.25 6.47 5.62
N GLU B 80 8.44 6.92 4.67
CA GLU B 80 7.10 7.45 4.99
C GLU B 80 6.03 6.71 4.21
N SER B 81 4.84 6.61 4.79
CA SER B 81 3.73 5.94 4.14
C SER B 81 2.41 6.37 4.73
N PRO B 82 1.44 6.76 3.88
CA PRO B 82 1.55 6.98 2.44
C PRO B 82 2.25 8.31 2.19
N LEU B 83 2.47 8.65 0.92
CA LEU B 83 3.06 9.91 0.51
C LEU B 83 2.00 10.80 -0.12
N LEU B 84 1.82 12.00 0.45
CA LEU B 84 1.00 13.03 -0.15
C LEU B 84 1.84 13.80 -1.16
N LEU B 85 1.69 13.42 -2.42
CA LEU B 85 2.47 13.97 -3.54
C LEU B 85 1.71 15.04 -4.30
N GLU B 86 2.29 16.23 -4.33
CA GLU B 86 1.76 17.38 -5.05
C GLU B 86 2.34 17.37 -6.47
N VAL B 87 1.47 17.36 -7.46
CA VAL B 87 1.86 17.22 -8.86
C VAL B 87 1.39 18.43 -9.68
N ARG B 88 2.28 18.92 -10.53
CA ARG B 88 1.96 19.88 -11.59
C ARG B 88 1.77 19.12 -12.90
N ARG B 89 0.58 19.26 -13.48
CA ARG B 89 0.24 18.60 -14.76
C ARG B 89 -0.31 19.67 -15.69
N GLY B 90 0.60 20.30 -16.44
CA GLY B 90 0.26 21.44 -17.28
C GLY B 90 -0.16 22.58 -16.38
N ASN B 91 -1.37 23.09 -16.57
CA ASN B 91 -1.89 24.15 -15.71
C ASN B 91 -2.73 23.65 -14.53
N ASP B 92 -2.76 22.33 -14.30
CA ASP B 92 -3.44 21.76 -13.14
C ASP B 92 -2.45 21.44 -12.01
N ASP B 93 -2.90 21.65 -10.78
CA ASP B 93 -2.17 21.20 -9.60
C ASP B 93 -3.03 20.10 -8.96
N LEU B 94 -2.42 18.97 -8.65
CA LEU B 94 -3.16 17.80 -8.17
C LEU B 94 -2.46 17.26 -6.93
N LEU B 95 -3.26 16.70 -6.02
CA LEU B 95 -2.70 16.02 -4.87
C LEU B 95 -3.05 14.54 -4.91
N PHE B 96 -2.03 13.70 -4.74
CA PHE B 96 -2.19 12.24 -4.69
C PHE B 96 -1.73 11.69 -3.35
N SER B 97 -2.39 10.65 -2.88
CA SER B 97 -1.97 9.91 -1.71
C SER B 97 -1.51 8.51 -2.17
N ILE B 98 -0.20 8.32 -2.20
CA ILE B 98 0.39 7.11 -2.84
C ILE B 98 1.11 6.32 -1.76
N ALA B 99 0.61 5.11 -1.48
CA ALA B 99 1.18 4.26 -0.46
C ALA B 99 2.25 3.37 -1.11
N PRO B 100 3.51 3.50 -0.63
CA PRO B 100 4.50 2.58 -1.20
C PRO B 100 4.13 1.13 -0.97
N GLU B 101 4.27 0.32 -2.02
CA GLU B 101 4.10 -1.11 -1.89
C GLU B 101 5.32 -1.69 -1.23
N VAL B 102 5.10 -2.64 -0.32
CA VAL B 102 6.16 -3.31 0.41
C VAL B 102 6.18 -4.77 0.01
N VAL B 103 7.34 -5.22 -0.43
CA VAL B 103 7.58 -6.59 -0.82
C VAL B 103 8.65 -7.21 0.09
N MET B 104 8.39 -8.40 0.62
CA MET B 104 9.31 -9.05 1.56
C MET B 104 9.91 -10.26 0.90
N GLY B 105 11.20 -10.49 1.13
CA GLY B 105 11.85 -11.68 0.62
C GLY B 105 12.39 -11.69 -0.79
N GLY B 106 12.55 -10.52 -1.40
CA GLY B 106 13.21 -10.45 -2.71
C GLY B 106 12.31 -10.59 -3.92
N GLY B 107 10.99 -10.71 -3.69
CA GLY B 107 10.01 -10.97 -4.75
C GLY B 107 9.86 -9.93 -5.85
N PHE B 108 10.30 -8.72 -5.61
CA PHE B 108 10.26 -7.66 -6.64
C PHE B 108 11.36 -7.85 -7.71
N GLY B 109 12.45 -8.50 -7.33
CA GLY B 109 13.62 -8.54 -8.19
C GLY B 109 14.20 -7.16 -8.44
N ARG B 110 14.68 -6.92 -9.65
CA ARG B 110 15.40 -5.71 -9.93
C ARG B 110 15.33 -5.40 -11.41
N TRP B 111 15.23 -4.11 -11.74
CA TRP B 111 15.23 -3.66 -13.11
C TRP B 111 16.65 -3.76 -13.66
N VAL B 112 16.73 -4.12 -14.94
CA VAL B 112 18.00 -4.20 -15.67
C VAL B 112 17.81 -3.76 -17.12
#